data_8EO7
#
_entry.id   8EO7
#
_cell.length_a   73.861
_cell.length_b   162.236
_cell.length_c   70.277
_cell.angle_alpha   90.00
_cell.angle_beta   90.00
_cell.angle_gamma   90.00
#
_symmetry.space_group_name_H-M   'P 21 21 2'
#
loop_
_entity.id
_entity.type
_entity.pdbx_description
1 polymer beta-lactamase
2 water water
#
_entity_poly.entity_id   1
_entity_poly.type   'polypeptide(L)'
_entity_poly.pdbx_seq_one_letter_code
;AACLPDIIFDEPSQGPEKNEAISMLTERLSSIINAAGGDIGIAVIHVETGHTTAIQGTTQLPLQSVFKLPLAIAVLKEIE
ENRLQLDRKVRVTPADVAPGWTANAAMWRRPIDRTVAQLIEVSIIRSDNTSSDKLLQLVGGPAAVTHRMRALGFPNIEIV
STEREFSENRTRPNTGSAEDLARLLVQLQKGELLQPQHSALLLGFMHRATTGTERLRGSLPVGTPVADKTGTGDAGVVTN
DVGIITLPKGQGHLAIAVLISGSKLSPAAQEKLIAEIARAAYDAHVSRAE
;
_entity_poly.pdbx_strand_id   A,B
#
# COMPACT_ATOMS: atom_id res chain seq x y z
N GLU A 20 20.78 11.44 -3.49
CA GLU A 20 20.24 12.79 -3.59
C GLU A 20 19.31 12.92 -4.81
N ALA A 21 19.31 11.92 -5.69
CA ALA A 21 18.40 11.93 -6.83
C ALA A 21 17.03 11.41 -6.44
N ILE A 22 16.97 10.23 -5.82
CA ILE A 22 15.70 9.69 -5.35
C ILE A 22 15.12 10.63 -4.30
N SER A 23 16.01 11.34 -3.59
CA SER A 23 15.68 12.43 -2.67
C SER A 23 14.72 13.42 -3.27
N MET A 24 15.13 14.07 -4.32
CA MET A 24 14.41 15.20 -4.86
C MET A 24 13.48 14.84 -6.00
N LEU A 25 13.22 13.55 -6.22
CA LEU A 25 12.35 13.13 -7.32
C LEU A 25 10.97 13.74 -7.21
N THR A 26 10.42 13.78 -5.99
CA THR A 26 9.09 14.35 -5.77
C THR A 26 9.04 15.80 -6.24
N GLU A 27 10.03 16.62 -5.85
CA GLU A 27 9.96 18.02 -6.27
C GLU A 27 10.07 18.10 -7.78
N ARG A 28 10.92 17.26 -8.39
CA ARG A 28 11.09 17.28 -9.85
C ARG A 28 9.85 16.81 -10.58
N LEU A 29 9.17 15.79 -10.06
CA LEU A 29 7.93 15.33 -10.69
C LEU A 29 6.81 16.36 -10.60
N SER A 30 6.70 17.02 -9.43
CA SER A 30 5.65 18.01 -9.23
C SER A 30 5.83 19.20 -10.16
N SER A 31 7.07 19.46 -10.61
CA SER A 31 7.31 20.54 -11.55
C SER A 31 7.04 20.10 -12.99
N ILE A 32 7.18 18.80 -13.27
CA ILE A 32 6.85 18.30 -14.61
C ILE A 32 5.35 18.43 -14.86
N ILE A 33 4.52 18.13 -13.86
CA ILE A 33 3.08 18.14 -14.05
C ILE A 33 2.45 19.48 -13.70
N ASN A 34 3.26 20.48 -13.34
CA ASN A 34 2.72 21.78 -12.94
C ASN A 34 1.87 22.37 -14.05
N ALA A 35 0.75 22.97 -13.67
CA ALA A 35 -0.21 23.60 -14.58
C ALA A 35 -0.87 22.64 -15.55
N ALA A 36 -0.73 21.33 -15.36
CA ALA A 36 -1.38 20.39 -16.27
C ALA A 36 -2.88 20.32 -16.03
N GLY A 37 -3.35 20.78 -14.87
CA GLY A 37 -4.75 20.70 -14.51
C GLY A 37 -5.19 19.27 -14.24
N GLY A 38 -6.50 19.13 -14.08
CA GLY A 38 -7.08 17.83 -13.81
C GLY A 38 -6.57 17.20 -12.51
N ASP A 39 -6.71 15.88 -12.44
CA ASP A 39 -6.25 15.08 -11.31
C ASP A 39 -5.17 14.12 -11.80
N ILE A 40 -4.00 14.19 -11.19
CA ILE A 40 -2.86 13.37 -11.59
C ILE A 40 -2.35 12.59 -10.37
N GLY A 41 -2.35 11.26 -10.49
CA GLY A 41 -1.80 10.39 -9.47
C GLY A 41 -0.55 9.70 -9.99
N ILE A 42 0.52 9.78 -9.20
CA ILE A 42 1.81 9.20 -9.56
C ILE A 42 2.28 8.33 -8.40
N ALA A 43 2.77 7.13 -8.71
CA ALA A 43 3.46 6.30 -7.74
C ALA A 43 4.65 5.63 -8.41
N VAL A 44 5.82 5.76 -7.77
CA VAL A 44 7.05 5.14 -8.26
C VAL A 44 7.64 4.34 -7.10
N ILE A 45 7.83 3.04 -7.31
CA ILE A 45 8.34 2.16 -6.27
C ILE A 45 9.50 1.35 -6.84
N HIS A 46 10.68 1.49 -6.22
CA HIS A 46 11.79 0.61 -6.52
C HIS A 46 11.50 -0.78 -5.95
N VAL A 47 11.40 -1.77 -6.84
CA VAL A 47 10.88 -3.08 -6.45
C VAL A 47 11.71 -3.68 -5.32
N GLU A 48 13.04 -3.64 -5.44
CA GLU A 48 13.89 -4.41 -4.55
C GLU A 48 14.00 -3.78 -3.16
N THR A 49 14.01 -2.46 -3.06
CA THR A 49 14.14 -1.79 -1.77
C THR A 49 12.81 -1.29 -1.21
N GLY A 50 11.82 -1.06 -2.07
CA GLY A 50 10.57 -0.46 -1.64
C GLY A 50 10.53 1.04 -1.65
N HIS A 51 11.61 1.72 -2.04
CA HIS A 51 11.63 3.18 -2.03
C HIS A 51 10.49 3.73 -2.88
N THR A 52 9.66 4.57 -2.28
CA THR A 52 8.40 4.98 -2.89
C THR A 52 8.35 6.50 -3.01
N THR A 53 8.01 6.97 -4.21
CA THR A 53 7.71 8.36 -4.47
C THR A 53 6.28 8.44 -5.01
N ALA A 54 5.47 9.31 -4.43
CA ALA A 54 4.07 9.38 -4.81
C ALA A 54 3.56 10.81 -4.72
N ILE A 55 2.72 11.17 -5.69
CA ILE A 55 1.98 12.43 -5.70
C ILE A 55 0.52 12.09 -5.90
N GLN A 56 -0.32 12.45 -4.91
CA GLN A 56 -1.72 12.05 -4.89
C GLN A 56 -1.83 10.53 -5.07
N GLY A 57 -0.95 9.79 -4.40
CA GLY A 57 -0.81 8.37 -4.63
C GLY A 57 -1.97 7.52 -4.13
N THR A 58 -2.78 8.05 -3.23
CA THR A 58 -3.90 7.30 -2.66
C THR A 58 -5.24 7.78 -3.20
N THR A 59 -5.25 8.72 -4.15
CA THR A 59 -6.49 9.15 -4.76
C THR A 59 -6.90 8.17 -5.84
N GLN A 60 -8.13 7.66 -5.74
CA GLN A 60 -8.64 6.72 -6.72
C GLN A 60 -9.11 7.48 -7.95
N LEU A 61 -8.54 7.14 -9.10
CA LEU A 61 -8.74 7.85 -10.35
C LEU A 61 -9.23 6.89 -11.42
N PRO A 62 -9.91 7.39 -12.46
CA PRO A 62 -10.46 6.50 -13.48
C PRO A 62 -9.39 5.70 -14.19
N LEU A 63 -9.66 4.41 -14.39
CA LEU A 63 -8.66 3.48 -14.91
C LEU A 63 -8.70 3.31 -16.42
N GLN A 64 -9.89 3.39 -17.03
CA GLN A 64 -10.11 2.98 -18.43
C GLN A 64 -9.53 1.58 -18.58
N SER A 65 -8.74 1.29 -19.62
CA SER A 65 -8.30 -0.08 -19.88
C SER A 65 -7.20 -0.54 -18.92
N VAL A 66 -6.71 0.32 -18.03
CA VAL A 66 -5.79 -0.14 -16.99
C VAL A 66 -6.45 -1.18 -16.11
N PHE A 67 -7.77 -1.14 -15.98
CA PHE A 67 -8.49 -2.12 -15.17
C PHE A 67 -8.31 -3.54 -15.68
N LYS A 68 -7.90 -3.72 -16.94
CA LYS A 68 -7.70 -5.07 -17.46
C LYS A 68 -6.51 -5.76 -16.83
N LEU A 69 -5.59 -5.02 -16.20
CA LEU A 69 -4.52 -5.65 -15.44
C LEU A 69 -5.04 -6.28 -14.15
N PRO A 70 -5.76 -5.57 -13.28
CA PRO A 70 -6.45 -6.28 -12.16
C PRO A 70 -7.33 -7.42 -12.63
N LEU A 71 -8.03 -7.24 -13.75
CA LEU A 71 -8.86 -8.31 -14.29
C LEU A 71 -8.02 -9.55 -14.59
N ALA A 72 -6.89 -9.37 -15.27
CA ALA A 72 -6.04 -10.51 -15.63
C ALA A 72 -5.53 -11.23 -14.39
N ILE A 73 -5.14 -10.47 -13.36
CA ILE A 73 -4.71 -11.08 -12.10
C ILE A 73 -5.86 -11.85 -11.45
N ALA A 74 -7.06 -11.26 -11.48
CA ALA A 74 -8.22 -11.95 -10.92
C ALA A 74 -8.48 -13.26 -11.67
N VAL A 75 -8.33 -13.25 -12.99
CA VAL A 75 -8.54 -14.47 -13.77
C VAL A 75 -7.48 -15.50 -13.45
N LEU A 76 -6.20 -15.08 -13.37
CA LEU A 76 -5.13 -16.02 -13.09
C LEU A 76 -5.22 -16.57 -11.67
N LYS A 77 -5.72 -15.77 -10.73
CA LYS A 77 -5.93 -16.27 -9.37
C LYS A 77 -7.04 -17.33 -9.33
N GLU A 78 -8.07 -17.16 -10.16
CA GLU A 78 -9.07 -18.23 -10.30
C GLU A 78 -8.41 -19.54 -10.69
N ILE A 79 -7.46 -19.49 -11.64
CA ILE A 79 -6.74 -20.70 -12.04
C ILE A 79 -5.88 -21.20 -10.90
N GLU A 80 -5.20 -20.29 -10.20
CA GLU A 80 -4.34 -20.70 -9.09
C GLU A 80 -5.12 -21.22 -7.90
N GLU A 81 -6.44 -20.95 -7.82
CA GLU A 81 -7.31 -21.47 -6.77
C GLU A 81 -8.23 -22.62 -7.24
N ASN A 82 -7.86 -23.32 -8.33
CA ASN A 82 -8.51 -24.55 -8.84
C ASN A 82 -9.98 -24.31 -9.22
N ARG A 83 -10.33 -23.11 -9.70
CA ARG A 83 -11.68 -22.88 -10.18
C ARG A 83 -11.75 -22.63 -11.69
N LEU A 84 -10.64 -22.81 -12.40
CA LEU A 84 -10.54 -22.45 -13.80
C LEU A 84 -9.19 -22.97 -14.28
N GLN A 85 -9.05 -23.13 -15.60
CA GLN A 85 -7.80 -23.58 -16.16
C GLN A 85 -7.40 -22.72 -17.35
N LEU A 86 -6.08 -22.65 -17.58
CA LEU A 86 -5.54 -21.77 -18.60
C LEU A 86 -6.00 -22.15 -20.00
N ASP A 87 -6.13 -23.45 -20.27
CA ASP A 87 -6.44 -23.95 -21.61
C ASP A 87 -7.93 -24.19 -21.81
N ARG A 88 -8.77 -23.69 -20.92
CA ARG A 88 -10.21 -23.83 -21.08
C ARG A 88 -10.68 -23.08 -22.33
N LYS A 89 -11.36 -23.79 -23.22
CA LYS A 89 -11.92 -23.17 -24.40
C LYS A 89 -13.14 -22.34 -24.03
N VAL A 90 -13.22 -21.13 -24.56
CA VAL A 90 -14.34 -20.23 -24.33
C VAL A 90 -14.86 -19.76 -25.67
N ARG A 91 -16.18 -19.82 -25.84
CA ARG A 91 -16.80 -19.48 -27.11
C ARG A 91 -17.18 -18.00 -27.13
N VAL A 92 -16.73 -17.30 -28.16
CA VAL A 92 -17.03 -15.89 -28.35
C VAL A 92 -17.81 -15.73 -29.65
N THR A 93 -18.87 -14.94 -29.61
CA THR A 93 -19.73 -14.74 -30.76
C THR A 93 -19.84 -13.25 -31.09
N PRO A 94 -20.35 -12.89 -32.27
CA PRO A 94 -20.62 -11.47 -32.54
C PRO A 94 -21.63 -10.86 -31.58
N ALA A 95 -22.48 -11.66 -30.95
CA ALA A 95 -23.39 -11.15 -29.93
C ALA A 95 -22.63 -10.68 -28.68
N ASP A 96 -21.38 -11.11 -28.51
CA ASP A 96 -20.56 -10.62 -27.41
C ASP A 96 -19.98 -9.24 -27.68
N VAL A 97 -20.13 -8.72 -28.89
CA VAL A 97 -19.56 -7.43 -29.25
C VAL A 97 -20.54 -6.31 -28.96
N MET A 107 -11.68 -9.47 -35.09
CA MET A 107 -11.34 -10.78 -34.54
C MET A 107 -12.61 -11.55 -34.19
N TRP A 108 -13.70 -10.83 -33.94
CA TRP A 108 -14.93 -11.45 -33.45
C TRP A 108 -16.09 -11.38 -34.43
N ARG A 109 -15.88 -11.75 -35.69
CA ARG A 109 -16.98 -11.76 -36.64
C ARG A 109 -17.58 -13.15 -36.83
N ARG A 110 -16.84 -14.20 -36.46
CA ARG A 110 -17.37 -15.55 -36.42
C ARG A 110 -17.50 -16.05 -34.99
N PRO A 111 -18.38 -17.01 -34.74
CA PRO A 111 -18.33 -17.72 -33.45
C PRO A 111 -17.05 -18.52 -33.33
N ILE A 112 -16.12 -18.02 -32.51
CA ILE A 112 -14.78 -18.57 -32.40
C ILE A 112 -14.55 -19.06 -30.97
N ASP A 113 -13.69 -20.06 -30.85
CA ASP A 113 -13.20 -20.53 -29.56
C ASP A 113 -11.85 -19.90 -29.26
N ARG A 114 -11.69 -19.42 -28.03
CA ARG A 114 -10.42 -18.89 -27.56
C ARG A 114 -10.16 -19.46 -26.17
N THR A 115 -8.94 -19.91 -25.94
CA THR A 115 -8.58 -20.34 -24.59
C THR A 115 -8.61 -19.16 -23.65
N VAL A 116 -8.70 -19.46 -22.35
CA VAL A 116 -8.65 -18.41 -21.33
C VAL A 116 -7.36 -17.60 -21.47
N ALA A 117 -6.24 -18.29 -21.75
CA ALA A 117 -4.98 -17.61 -21.96
C ALA A 117 -5.05 -16.66 -23.15
N GLN A 118 -5.67 -17.11 -24.25
CA GLN A 118 -5.80 -16.25 -25.42
C GLN A 118 -6.67 -15.04 -25.14
N LEU A 119 -7.67 -15.18 -24.25
CA LEU A 119 -8.49 -14.03 -23.89
C LEU A 119 -7.69 -13.00 -23.10
N ILE A 120 -6.89 -13.45 -22.14
CA ILE A 120 -6.02 -12.55 -21.39
C ILE A 120 -5.04 -11.85 -22.34
N GLU A 121 -4.45 -12.60 -23.26
CA GLU A 121 -3.48 -12.05 -24.21
C GLU A 121 -4.05 -10.86 -24.97
N VAL A 122 -5.17 -11.08 -25.65
CA VAL A 122 -5.77 -10.01 -26.44
C VAL A 122 -6.31 -8.89 -25.55
N SER A 123 -6.75 -9.21 -24.33
CA SER A 123 -7.26 -8.18 -23.44
C SER A 123 -6.15 -7.27 -22.93
N ILE A 124 -4.94 -7.80 -22.77
CA ILE A 124 -3.81 -7.01 -22.29
C ILE A 124 -3.12 -6.28 -23.43
N ILE A 125 -2.93 -6.93 -24.57
CA ILE A 125 -2.09 -6.37 -25.63
C ILE A 125 -2.88 -5.37 -26.46
N ARG A 126 -4.08 -5.73 -26.88
CA ARG A 126 -4.90 -4.89 -27.72
C ARG A 126 -6.01 -4.18 -26.94
N SER A 127 -6.05 -4.34 -25.62
CA SER A 127 -7.10 -3.79 -24.78
C SER A 127 -8.48 -4.20 -25.28
N ASP A 128 -8.59 -5.45 -25.73
CA ASP A 128 -9.79 -5.86 -26.43
C ASP A 128 -10.96 -5.93 -25.46
N ASN A 129 -12.06 -5.30 -25.83
CA ASN A 129 -13.19 -5.13 -24.93
C ASN A 129 -14.14 -6.31 -24.93
N THR A 130 -14.22 -7.06 -26.03
CA THR A 130 -15.06 -8.24 -26.06
C THR A 130 -14.47 -9.34 -25.18
N SER A 131 -13.17 -9.57 -25.27
CA SER A 131 -12.52 -10.61 -24.48
C SER A 131 -12.51 -10.25 -23.01
N SER A 132 -12.34 -8.97 -22.70
CA SER A 132 -12.33 -8.54 -21.31
C SER A 132 -13.67 -8.79 -20.66
N ASP A 133 -14.76 -8.50 -21.36
CA ASP A 133 -16.09 -8.71 -20.79
C ASP A 133 -16.39 -10.20 -20.62
N LYS A 134 -15.85 -11.04 -21.49
CA LYS A 134 -15.98 -12.47 -21.29
C LYS A 134 -15.17 -12.92 -20.07
N LEU A 135 -13.98 -12.34 -19.87
CA LEU A 135 -13.18 -12.65 -18.68
C LEU A 135 -13.86 -12.19 -17.40
N LEU A 136 -14.45 -10.99 -17.42
CA LEU A 136 -15.21 -10.52 -16.26
C LEU A 136 -16.34 -11.48 -15.98
N GLN A 137 -16.92 -12.00 -17.05
CA GLN A 137 -18.07 -12.87 -16.97
C GLN A 137 -17.70 -14.16 -16.26
N LEU A 138 -16.50 -14.64 -16.57
CA LEU A 138 -15.94 -15.89 -16.03
C LEU A 138 -15.64 -15.81 -14.54
N VAL A 139 -15.12 -14.66 -14.07
CA VAL A 139 -14.69 -14.56 -12.67
C VAL A 139 -15.82 -14.14 -11.72
N GLY A 140 -16.95 -13.71 -12.26
CA GLY A 140 -18.08 -13.30 -11.46
C GLY A 140 -18.44 -11.83 -11.51
N GLY A 141 -17.88 -11.07 -12.44
CA GLY A 141 -18.25 -9.69 -12.62
C GLY A 141 -17.37 -8.72 -11.86
N PRO A 142 -17.63 -7.42 -12.03
CA PRO A 142 -16.80 -6.39 -11.39
C PRO A 142 -16.62 -6.56 -9.89
N ALA A 143 -17.69 -6.90 -9.17
CA ALA A 143 -17.58 -7.02 -7.72
C ALA A 143 -16.63 -8.14 -7.32
N ALA A 144 -16.56 -9.21 -8.13
CA ALA A 144 -15.63 -10.30 -7.84
C ALA A 144 -14.18 -9.88 -8.04
N VAL A 145 -13.92 -9.09 -9.09
CA VAL A 145 -12.58 -8.57 -9.31
C VAL A 145 -12.18 -7.66 -8.15
N THR A 146 -13.11 -6.80 -7.71
CA THR A 146 -12.82 -5.94 -6.57
C THR A 146 -12.52 -6.76 -5.32
N HIS A 147 -13.31 -7.80 -5.05
CA HIS A 147 -13.06 -8.63 -3.88
C HIS A 147 -11.69 -9.29 -3.96
N ARG A 148 -11.30 -9.77 -5.13
CA ARG A 148 -9.99 -10.40 -5.27
C ARG A 148 -8.87 -9.41 -4.98
N MET A 149 -9.01 -8.16 -5.44
CA MET A 149 -8.00 -7.15 -5.15
C MET A 149 -7.86 -6.93 -3.64
N ARG A 150 -8.98 -6.87 -2.93
CA ARG A 150 -8.95 -6.77 -1.48
C ARG A 150 -8.24 -7.97 -0.87
N ALA A 151 -8.60 -9.18 -1.32
CA ALA A 151 -8.00 -10.39 -0.78
C ALA A 151 -6.50 -10.45 -1.03
N LEU A 152 -6.03 -9.80 -2.09
CA LEU A 152 -4.60 -9.81 -2.41
C LEU A 152 -3.84 -8.68 -1.73
N GLY A 153 -4.53 -7.75 -1.08
CA GLY A 153 -3.89 -6.64 -0.41
C GLY A 153 -3.98 -5.30 -1.11
N PHE A 154 -4.94 -5.12 -2.01
CA PHE A 154 -5.10 -3.91 -2.79
C PHE A 154 -6.53 -3.42 -2.62
N PRO A 155 -6.84 -2.79 -1.48
CA PRO A 155 -8.22 -2.38 -1.19
C PRO A 155 -8.66 -1.09 -1.83
N ASN A 156 -7.81 -0.47 -2.67
CA ASN A 156 -8.14 0.81 -3.30
C ASN A 156 -8.19 0.67 -4.82
N ILE A 157 -8.59 -0.50 -5.29
CA ILE A 157 -8.87 -0.74 -6.71
C ILE A 157 -10.32 -1.19 -6.79
N GLU A 158 -11.18 -0.32 -7.31
CA GLU A 158 -12.63 -0.53 -7.30
C GLU A 158 -13.12 -0.76 -8.72
N ILE A 159 -13.46 -2.00 -9.04
CA ILE A 159 -14.06 -2.36 -10.32
C ILE A 159 -15.56 -2.46 -10.13
N VAL A 160 -16.31 -1.57 -10.78
CA VAL A 160 -17.75 -1.49 -10.58
C VAL A 160 -18.54 -1.66 -11.86
N SER A 161 -17.92 -1.56 -13.02
CA SER A 161 -18.64 -1.56 -14.29
C SER A 161 -17.93 -2.45 -15.28
N THR A 162 -18.72 -3.12 -16.11
CA THR A 162 -18.19 -3.77 -17.29
C THR A 162 -17.91 -2.72 -18.35
N GLU A 163 -17.26 -3.14 -19.44
CA GLU A 163 -17.04 -2.20 -20.53
C GLU A 163 -18.35 -1.86 -21.23
N ARG A 164 -19.26 -2.81 -21.34
CA ARG A 164 -20.58 -2.51 -21.89
C ARG A 164 -21.34 -1.51 -21.02
N GLU A 165 -21.27 -1.70 -19.69
CA GLU A 165 -21.94 -0.78 -18.78
C GLU A 165 -21.34 0.62 -18.86
N PHE A 166 -20.01 0.70 -18.97
CA PHE A 166 -19.35 1.99 -19.11
C PHE A 166 -19.53 2.56 -20.51
N SER A 167 -19.98 1.73 -21.46
CA SER A 167 -20.26 2.16 -22.82
C SER A 167 -21.68 2.69 -22.98
N ARG A 172 -20.20 5.82 -13.93
CA ARG A 172 -19.50 5.14 -12.85
C ARG A 172 -18.31 4.37 -13.38
N PRO A 173 -17.14 5.00 -13.36
CA PRO A 173 -15.94 4.36 -13.88
C PRO A 173 -15.30 3.45 -12.85
N ASN A 174 -14.54 2.47 -13.36
CA ASN A 174 -13.62 1.75 -12.51
C ASN A 174 -12.50 2.68 -12.08
N THR A 175 -12.17 2.66 -10.79
CA THR A 175 -11.14 3.54 -10.26
C THR A 175 -10.09 2.73 -9.52
N GLY A 176 -8.92 3.33 -9.39
CA GLY A 176 -7.84 2.73 -8.64
C GLY A 176 -6.82 3.80 -8.28
N SER A 177 -6.12 3.56 -7.17
CA SER A 177 -5.07 4.48 -6.75
C SER A 177 -3.74 4.09 -7.40
N ALA A 178 -2.89 5.10 -7.60
CA ALA A 178 -1.59 4.86 -8.21
C ALA A 178 -0.72 3.97 -7.34
N GLU A 179 -0.78 4.16 -6.01
CA GLU A 179 0.03 3.36 -5.10
C GLU A 179 -0.40 1.89 -5.10
N ASP A 180 -1.71 1.64 -5.06
CA ASP A 180 -2.20 0.25 -5.11
C ASP A 180 -1.75 -0.44 -6.39
N LEU A 181 -1.89 0.23 -7.53
CA LEU A 181 -1.48 -0.37 -8.79
C LEU A 181 0.02 -0.60 -8.85
N ALA A 182 0.80 0.36 -8.34
CA ALA A 182 2.25 0.19 -8.29
C ALA A 182 2.64 -0.96 -7.37
N ARG A 183 2.00 -1.07 -6.21
CA ARG A 183 2.32 -2.15 -5.28
C ARG A 183 1.96 -3.51 -5.87
N LEU A 184 0.83 -3.58 -6.58
CA LEU A 184 0.49 -4.79 -7.32
C LEU A 184 1.61 -5.17 -8.29
N LEU A 185 2.10 -4.19 -9.04
CA LEU A 185 3.15 -4.46 -10.02
C LEU A 185 4.45 -4.89 -9.34
N VAL A 186 4.74 -4.32 -8.16
CA VAL A 186 5.90 -4.76 -7.39
C VAL A 186 5.80 -6.26 -7.09
N GLN A 187 4.66 -6.69 -6.58
CA GLN A 187 4.49 -8.10 -6.23
C GLN A 187 4.51 -8.98 -7.47
N LEU A 188 3.98 -8.51 -8.59
CA LEU A 188 4.09 -9.25 -9.84
C LEU A 188 5.55 -9.43 -10.24
N GLN A 189 6.33 -8.35 -10.21
CA GLN A 189 7.73 -8.41 -10.59
C GLN A 189 8.53 -9.29 -9.64
N LYS A 190 8.18 -9.27 -8.35
CA LYS A 190 8.94 -9.99 -7.34
C LYS A 190 8.73 -11.50 -7.41
N GLY A 191 7.68 -11.96 -8.07
CA GLY A 191 7.29 -13.35 -7.99
C GLY A 191 6.42 -13.68 -6.80
N GLU A 192 5.82 -12.69 -6.16
CA GLU A 192 4.96 -12.90 -4.99
C GLU A 192 3.48 -12.95 -5.33
N LEU A 193 3.07 -12.37 -6.46
CA LEU A 193 1.64 -12.23 -6.75
C LEU A 193 1.06 -13.49 -7.40
N LEU A 194 1.78 -14.08 -8.34
CA LEU A 194 1.28 -15.22 -9.10
C LEU A 194 2.34 -16.31 -9.16
N GLN A 195 1.89 -17.51 -9.54
CA GLN A 195 2.83 -18.58 -9.83
C GLN A 195 3.80 -18.14 -10.93
N PRO A 196 5.00 -18.72 -10.96
CA PRO A 196 6.02 -18.24 -11.90
C PRO A 196 5.60 -18.29 -13.37
N GLN A 197 4.78 -19.25 -13.79
CA GLN A 197 4.51 -19.39 -15.21
C GLN A 197 3.50 -18.34 -15.63
N HIS A 198 2.59 -18.00 -14.68
CA HIS A 198 1.57 -17.01 -14.90
C HIS A 198 2.17 -15.63 -14.87
N SER A 199 3.13 -15.41 -13.97
CA SER A 199 3.83 -14.14 -13.93
C SER A 199 4.59 -13.91 -15.22
N ALA A 200 5.28 -14.94 -15.72
CA ALA A 200 5.99 -14.82 -16.98
C ALA A 200 5.02 -14.63 -18.14
N LEU A 201 3.88 -15.31 -18.09
CA LEU A 201 2.88 -15.17 -19.14
C LEU A 201 2.33 -13.75 -19.18
N LEU A 202 1.91 -13.23 -18.03
CA LEU A 202 1.31 -11.90 -17.99
C LEU A 202 2.33 -10.82 -18.35
N LEU A 203 3.54 -10.93 -17.83
CA LEU A 203 4.57 -9.94 -18.15
C LEU A 203 4.93 -10.00 -19.63
N GLY A 204 4.95 -11.20 -20.20
CA GLY A 204 5.14 -11.34 -21.63
C GLY A 204 4.09 -10.58 -22.43
N PHE A 205 2.83 -10.70 -22.03
CA PHE A 205 1.77 -9.92 -22.66
C PHE A 205 2.04 -8.43 -22.53
N MET A 206 2.44 -8.00 -21.32
CA MET A 206 2.67 -6.58 -21.07
C MET A 206 3.88 -6.06 -21.85
N HIS A 207 4.85 -6.93 -22.16
CA HIS A 207 5.98 -6.50 -22.99
C HIS A 207 5.52 -6.13 -24.39
N ARG A 208 4.57 -6.88 -24.92
CA ARG A 208 4.08 -6.71 -26.28
C ARG A 208 2.96 -5.67 -26.40
N ALA A 209 2.69 -4.90 -25.35
CA ALA A 209 1.64 -3.89 -25.39
C ALA A 209 1.84 -2.97 -26.59
N THR A 210 0.82 -2.88 -27.44
CA THR A 210 0.92 -2.18 -28.71
C THR A 210 0.23 -0.82 -28.75
N THR A 211 -0.32 -0.35 -27.63
CA THR A 211 -1.13 0.87 -27.70
C THR A 211 -0.52 2.08 -27.01
N GLY A 212 0.52 1.91 -26.17
CA GLY A 212 1.09 3.07 -25.51
C GLY A 212 2.60 3.12 -25.52
N THR A 213 3.22 2.85 -26.66
CA THR A 213 4.68 2.78 -26.72
C THR A 213 5.37 4.13 -26.70
N GLU A 214 4.65 5.25 -26.79
CA GLU A 214 5.27 6.54 -26.57
C GLU A 214 4.89 7.13 -25.22
N ARG A 215 4.41 6.30 -24.30
CA ARG A 215 4.08 6.73 -22.94
C ARG A 215 5.27 6.36 -22.04
N LEU A 216 5.18 5.27 -21.28
CA LEU A 216 6.27 4.95 -20.37
C LEU A 216 7.60 4.77 -21.09
N ARG A 217 7.58 4.26 -22.33
CA ARG A 217 8.82 4.04 -23.07
C ARG A 217 9.35 5.30 -23.75
N GLY A 218 8.53 6.35 -23.88
CA GLY A 218 8.83 7.42 -24.82
C GLY A 218 10.16 8.12 -24.59
N SER A 219 10.57 8.28 -23.35
CA SER A 219 11.77 9.07 -23.05
C SER A 219 12.85 8.23 -22.37
N LEU A 220 12.72 6.92 -22.39
CA LEU A 220 13.74 6.12 -21.74
C LEU A 220 14.91 5.86 -22.68
N PRO A 221 16.09 5.60 -22.14
CA PRO A 221 17.24 5.26 -22.99
C PRO A 221 16.93 4.04 -23.85
N VAL A 222 17.54 4.01 -25.04
CA VAL A 222 17.29 2.90 -25.95
C VAL A 222 17.76 1.61 -25.30
N GLY A 223 16.94 0.56 -25.40
CA GLY A 223 17.24 -0.71 -24.77
C GLY A 223 16.75 -0.88 -23.34
N THR A 224 15.76 -0.11 -22.90
CA THR A 224 15.21 -0.27 -21.55
C THR A 224 14.00 -1.20 -21.59
N PRO A 225 14.07 -2.38 -20.99
CA PRO A 225 12.89 -3.26 -20.96
C PRO A 225 11.74 -2.64 -20.17
N VAL A 226 10.54 -2.70 -20.76
CA VAL A 226 9.33 -2.14 -20.15
C VAL A 226 8.15 -3.06 -20.38
N ALA A 227 7.49 -3.45 -19.30
CA ALA A 227 6.20 -4.13 -19.34
C ALA A 227 5.14 -3.16 -18.83
N ASP A 228 4.06 -2.97 -19.60
CA ASP A 228 3.10 -1.93 -19.23
C ASP A 228 1.70 -2.29 -19.71
N LYS A 229 0.73 -1.56 -19.17
CA LYS A 229 -0.66 -1.59 -19.59
C LYS A 229 -1.20 -0.16 -19.57
N THR A 230 -1.74 0.29 -20.69
CA THR A 230 -2.21 1.66 -20.83
C THR A 230 -3.73 1.77 -20.66
N GLY A 231 -4.18 3.00 -20.46
CA GLY A 231 -5.60 3.32 -20.44
C GLY A 231 -5.85 4.68 -21.06
N THR A 232 -6.84 4.80 -21.92
CA THR A 232 -7.08 6.04 -22.64
C THR A 232 -8.57 6.30 -22.76
N GLY A 233 -8.99 7.48 -22.33
CA GLY A 233 -10.33 7.97 -22.55
C GLY A 233 -10.36 8.84 -23.80
N ASP A 234 -11.50 8.85 -24.47
CA ASP A 234 -11.62 9.58 -25.73
C ASP A 234 -11.41 11.08 -25.52
N ALA A 235 -10.73 11.71 -26.48
CA ALA A 235 -10.53 13.16 -26.50
C ALA A 235 -9.74 13.64 -25.29
N GLY A 236 -8.79 12.83 -24.84
CA GLY A 236 -7.88 13.25 -23.78
C GLY A 236 -8.49 13.35 -22.40
N VAL A 237 -9.66 12.75 -22.17
CA VAL A 237 -10.27 12.86 -20.84
C VAL A 237 -9.53 12.00 -19.82
N VAL A 238 -8.84 10.95 -20.26
CA VAL A 238 -8.06 10.08 -19.39
C VAL A 238 -6.84 9.61 -20.16
N THR A 239 -5.66 9.74 -19.54
CA THR A 239 -4.43 9.18 -20.11
C THR A 239 -3.67 8.49 -18.99
N ASN A 240 -3.59 7.16 -19.05
CA ASN A 240 -2.98 6.36 -18.00
C ASN A 240 -1.90 5.45 -18.58
N ASP A 241 -0.90 5.15 -17.76
CA ASP A 241 0.03 4.06 -18.02
C ASP A 241 0.60 3.55 -16.71
N VAL A 242 0.58 2.23 -16.53
CA VAL A 242 1.19 1.56 -15.39
C VAL A 242 2.10 0.46 -15.91
N GLY A 243 3.21 0.22 -15.21
CA GLY A 243 4.09 -0.83 -15.67
C GLY A 243 5.35 -0.95 -14.84
N ILE A 244 6.27 -1.76 -15.36
CA ILE A 244 7.53 -2.10 -14.70
C ILE A 244 8.68 -1.75 -15.64
N ILE A 245 9.63 -0.95 -15.16
CA ILE A 245 10.82 -0.56 -15.91
C ILE A 245 12.01 -1.34 -15.37
N THR A 246 12.72 -2.03 -16.26
CA THR A 246 13.93 -2.74 -15.89
C THR A 246 15.13 -1.79 -15.98
N LEU A 247 15.78 -1.56 -14.85
CA LEU A 247 16.96 -0.72 -14.76
C LEU A 247 18.20 -1.47 -15.23
N PRO A 248 19.26 -0.75 -15.59
CA PRO A 248 20.47 -1.41 -16.10
C PRO A 248 21.19 -2.20 -15.01
N LYS A 249 22.09 -3.07 -15.47
CA LYS A 249 23.03 -3.81 -14.62
C LYS A 249 22.21 -4.64 -13.64
N GLY A 250 22.37 -4.45 -12.33
CA GLY A 250 21.58 -5.10 -11.31
C GLY A 250 21.04 -4.04 -10.38
N GLN A 251 20.65 -2.90 -10.95
CA GLN A 251 20.08 -1.79 -10.20
C GLN A 251 18.59 -1.94 -9.93
N GLY A 252 17.96 -3.01 -10.40
CA GLY A 252 16.60 -3.32 -9.99
C GLY A 252 15.54 -2.98 -11.01
N HIS A 253 14.33 -2.78 -10.50
CA HIS A 253 13.15 -2.49 -11.31
C HIS A 253 12.33 -1.40 -10.64
N LEU A 254 11.62 -0.63 -11.47
CA LEU A 254 10.69 0.39 -11.00
C LEU A 254 9.27 0.00 -11.36
N ALA A 255 8.41 -0.10 -10.36
CA ALA A 255 6.97 -0.13 -10.57
C ALA A 255 6.46 1.31 -10.61
N ILE A 256 5.74 1.66 -11.67
CA ILE A 256 5.32 3.03 -11.91
C ILE A 256 3.87 3.05 -12.36
N ALA A 257 3.08 3.93 -11.76
CA ALA A 257 1.70 4.16 -12.15
C ALA A 257 1.47 5.66 -12.31
N VAL A 258 0.99 6.06 -13.49
CA VAL A 258 0.66 7.46 -13.75
C VAL A 258 -0.78 7.50 -14.26
N LEU A 259 -1.65 8.18 -13.51
CA LEU A 259 -3.06 8.32 -13.88
C LEU A 259 -3.36 9.80 -14.05
N ILE A 260 -3.78 10.19 -15.26
CA ILE A 260 -4.09 11.57 -15.58
C ILE A 260 -5.57 11.64 -15.94
N SER A 261 -6.31 12.47 -15.20
CA SER A 261 -7.77 12.51 -15.33
C SER A 261 -8.20 13.95 -15.52
N GLY A 262 -8.82 14.24 -16.66
CA GLY A 262 -9.41 15.54 -16.90
C GLY A 262 -8.44 16.69 -17.06
N SER A 263 -7.28 16.45 -17.68
CA SER A 263 -6.32 17.54 -17.80
C SER A 263 -6.70 18.44 -18.98
N LYS A 264 -6.18 19.67 -18.93
CA LYS A 264 -6.39 20.64 -20.00
C LYS A 264 -5.47 20.42 -21.18
N LEU A 265 -4.42 19.60 -21.03
CA LEU A 265 -3.42 19.43 -22.05
C LEU A 265 -3.93 18.56 -23.19
N SER A 266 -3.29 18.70 -24.35
CA SER A 266 -3.61 17.86 -25.48
C SER A 266 -3.27 16.40 -25.16
N PRO A 267 -3.89 15.45 -25.87
CA PRO A 267 -3.52 14.04 -25.70
C PRO A 267 -2.03 13.78 -25.82
N ALA A 268 -1.38 14.39 -26.82
CA ALA A 268 0.05 14.19 -27.01
C ALA A 268 0.84 14.74 -25.82
N ALA A 269 0.43 15.90 -25.30
CA ALA A 269 1.13 16.48 -24.15
C ALA A 269 0.92 15.67 -22.89
N GLN A 270 -0.25 15.01 -22.76
CA GLN A 270 -0.47 14.13 -21.61
C GLN A 270 0.40 12.88 -21.70
N GLU A 271 0.54 12.31 -22.89
CA GLU A 271 1.42 11.17 -23.07
C GLU A 271 2.88 11.56 -22.84
N LYS A 272 3.24 12.79 -23.23
CA LYS A 272 4.60 13.26 -22.97
C LYS A 272 4.84 13.48 -21.47
N LEU A 273 3.79 13.83 -20.73
CA LEU A 273 3.93 13.94 -19.28
C LEU A 273 4.30 12.60 -18.66
N ILE A 274 3.65 11.53 -19.11
CA ILE A 274 3.95 10.18 -18.60
C ILE A 274 5.37 9.78 -18.98
N ALA A 275 5.76 10.02 -20.23
CA ALA A 275 7.10 9.67 -20.68
C ALA A 275 8.17 10.37 -19.87
N GLU A 276 7.96 11.65 -19.56
CA GLU A 276 8.94 12.42 -18.82
C GLU A 276 8.94 12.07 -17.34
N ILE A 277 7.77 11.79 -16.77
CA ILE A 277 7.71 11.27 -15.41
C ILE A 277 8.50 9.97 -15.31
N ALA A 278 8.33 9.08 -16.30
CA ALA A 278 9.04 7.81 -16.28
C ALA A 278 10.54 8.01 -16.41
N ARG A 279 10.96 8.97 -17.23
CA ARG A 279 12.39 9.20 -17.42
C ARG A 279 13.00 9.85 -16.18
N ALA A 280 12.26 10.74 -15.52
CA ALA A 280 12.73 11.33 -14.28
C ALA A 280 12.89 10.28 -13.19
N ALA A 281 11.94 9.35 -13.09
CA ALA A 281 12.04 8.26 -12.12
C ALA A 281 13.23 7.35 -12.43
N TYR A 282 13.41 7.01 -13.71
CA TYR A 282 14.55 6.21 -14.13
C TYR A 282 15.87 6.87 -13.73
N ASP A 283 16.03 8.15 -14.08
CA ASP A 283 17.30 8.83 -13.82
C ASP A 283 17.59 8.92 -12.32
N ALA A 284 16.55 9.12 -11.51
CA ALA A 284 16.76 9.24 -10.07
C ALA A 284 17.26 7.94 -9.45
N HIS A 285 16.87 6.80 -10.01
CA HIS A 285 17.17 5.50 -9.43
C HIS A 285 18.35 4.80 -10.09
N VAL A 286 18.91 5.36 -11.16
CA VAL A 286 20.02 4.76 -11.87
C VAL A 286 21.29 5.53 -11.53
N SER A 287 22.42 4.84 -11.53
CA SER A 287 23.71 5.45 -11.28
C SER A 287 24.15 6.32 -12.45
N ALA B 21 -17.82 -14.68 7.10
CA ALA B 21 -17.36 -13.77 8.14
C ALA B 21 -16.25 -12.88 7.62
N ILE B 22 -15.22 -13.50 7.02
CA ILE B 22 -14.14 -12.70 6.46
C ILE B 22 -14.66 -11.81 5.34
N SER B 23 -15.64 -12.31 4.58
CA SER B 23 -16.28 -11.46 3.59
C SER B 23 -16.81 -10.19 4.23
N MET B 24 -17.70 -10.30 5.20
CA MET B 24 -18.42 -9.11 5.62
C MET B 24 -17.81 -8.45 6.86
N LEU B 25 -16.49 -8.60 7.06
CA LEU B 25 -15.82 -7.85 8.12
C LEU B 25 -15.99 -6.35 7.91
N THR B 26 -15.88 -5.89 6.65
CA THR B 26 -16.00 -4.46 6.37
C THR B 26 -17.35 -3.91 6.82
N GLU B 27 -18.43 -4.62 6.53
CA GLU B 27 -19.74 -4.16 6.95
C GLU B 27 -19.89 -4.21 8.46
N ARG B 28 -19.34 -5.24 9.09
CA ARG B 28 -19.42 -5.36 10.54
C ARG B 28 -18.59 -4.28 11.23
N LEU B 29 -17.41 -3.99 10.68
CA LEU B 29 -16.61 -2.91 11.25
C LEU B 29 -17.27 -1.56 11.02
N SER B 30 -17.86 -1.37 9.84
CA SER B 30 -18.54 -0.10 9.55
C SER B 30 -19.75 0.12 10.45
N SER B 31 -20.38 -0.96 10.92
CA SER B 31 -21.50 -0.83 11.85
C SER B 31 -21.04 -0.70 13.29
N ILE B 32 -19.86 -1.23 13.63
CA ILE B 32 -19.31 -1.06 14.96
C ILE B 32 -18.99 0.41 15.23
N ILE B 33 -18.41 1.09 14.23
CA ILE B 33 -18.00 2.49 14.37
C ILE B 33 -19.06 3.46 13.88
N ASN B 34 -20.25 2.96 13.51
CA ASN B 34 -21.25 3.78 12.84
C ASN B 34 -21.60 5.06 13.61
N ALA B 35 -21.67 5.01 14.93
CA ALA B 35 -22.08 6.19 15.70
C ALA B 35 -20.95 6.82 16.51
N ALA B 36 -19.70 6.42 16.31
CA ALA B 36 -18.60 7.01 17.07
C ALA B 36 -18.24 8.41 16.61
N GLY B 37 -18.62 8.81 15.40
CA GLY B 37 -18.25 10.14 14.93
C GLY B 37 -16.75 10.26 14.69
N GLY B 38 -16.33 11.51 14.49
CA GLY B 38 -14.94 11.81 14.25
C GLY B 38 -14.41 11.16 12.99
N ASP B 39 -13.08 11.03 12.95
CA ASP B 39 -12.38 10.37 11.85
C ASP B 39 -11.73 9.12 12.39
N ILE B 40 -12.10 7.97 11.85
CA ILE B 40 -11.62 6.67 12.32
C ILE B 40 -11.04 5.93 11.12
N GLY B 41 -9.76 5.58 11.21
CA GLY B 41 -9.10 4.80 10.19
C GLY B 41 -8.78 3.41 10.72
N ILE B 42 -9.18 2.40 9.95
CA ILE B 42 -8.96 1.00 10.30
C ILE B 42 -8.30 0.31 9.12
N ALA B 43 -7.25 -0.45 9.38
CA ALA B 43 -6.67 -1.34 8.40
C ALA B 43 -6.33 -2.65 9.08
N VAL B 44 -6.79 -3.75 8.50
CA VAL B 44 -6.55 -5.09 9.03
C VAL B 44 -5.98 -5.91 7.88
N ILE B 45 -4.79 -6.46 8.08
CA ILE B 45 -4.10 -7.22 7.05
C ILE B 45 -3.69 -8.56 7.62
N HIS B 46 -4.19 -9.64 7.01
CA HIS B 46 -3.70 -10.97 7.32
C HIS B 46 -2.29 -11.10 6.75
N VAL B 47 -1.30 -11.25 7.64
CA VAL B 47 0.11 -11.16 7.24
C VAL B 47 0.42 -12.20 6.17
N GLU B 48 -0.05 -13.43 6.37
CA GLU B 48 0.41 -14.55 5.56
C GLU B 48 -0.17 -14.51 4.15
N THR B 49 -1.41 -14.08 4.01
CA THR B 49 -2.06 -14.03 2.70
C THR B 49 -2.10 -12.63 2.10
N GLY B 50 -2.04 -11.58 2.91
CA GLY B 50 -2.23 -10.24 2.43
C GLY B 50 -3.66 -9.75 2.45
N HIS B 51 -4.61 -10.58 2.88
CA HIS B 51 -6.02 -10.21 2.90
C HIS B 51 -6.23 -8.95 3.73
N THR B 52 -6.86 -7.95 3.12
CA THR B 52 -6.93 -6.61 3.71
C THR B 52 -8.39 -6.17 3.86
N THR B 53 -8.71 -5.67 5.05
CA THR B 53 -9.97 -4.99 5.32
C THR B 53 -9.63 -3.59 5.79
N ALA B 54 -10.25 -2.58 5.19
CA ALA B 54 -9.89 -1.21 5.53
C ALA B 54 -11.11 -0.29 5.45
N ILE B 55 -11.19 0.63 6.40
CA ILE B 55 -12.17 1.72 6.43
C ILE B 55 -11.42 3.01 6.65
N GLN B 56 -11.55 3.95 5.70
CA GLN B 56 -10.77 5.20 5.72
C GLN B 56 -9.28 4.90 5.87
N GLY B 57 -8.82 3.88 5.15
CA GLY B 57 -7.48 3.35 5.35
C GLY B 57 -6.36 4.24 4.85
N THR B 58 -6.67 5.18 3.95
CA THR B 58 -5.65 6.05 3.37
C THR B 58 -5.70 7.47 3.90
N THR B 59 -6.57 7.75 4.86
CA THR B 59 -6.62 9.07 5.47
C THR B 59 -5.54 9.18 6.53
N GLN B 60 -4.71 10.22 6.41
CA GLN B 60 -3.66 10.44 7.40
C GLN B 60 -4.26 11.13 8.61
N LEU B 61 -4.12 10.50 9.77
CA LEU B 61 -4.73 10.90 11.03
C LEU B 61 -3.66 11.08 12.09
N PRO B 62 -3.93 11.88 13.13
CA PRO B 62 -2.89 12.15 14.13
C PRO B 62 -2.42 10.88 14.83
N LEU B 63 -1.11 10.77 14.99
CA LEU B 63 -0.50 9.56 15.52
C LEU B 63 -0.29 9.60 17.02
N GLN B 64 -0.01 10.77 17.59
CA GLN B 64 0.47 10.89 18.98
C GLN B 64 1.64 9.92 19.12
N SER B 65 1.70 9.08 20.16
CA SER B 65 2.85 8.24 20.41
C SER B 65 2.98 7.06 19.45
N VAL B 66 2.01 6.86 18.55
CA VAL B 66 2.18 5.86 17.48
C VAL B 66 3.39 6.20 16.62
N PHE B 67 3.73 7.50 16.53
CA PHE B 67 4.89 7.90 15.75
C PHE B 67 6.19 7.29 16.27
N LYS B 68 6.20 6.83 17.53
CA LYS B 68 7.39 6.23 18.09
C LYS B 68 7.70 4.87 17.49
N LEU B 69 6.73 4.21 16.84
CA LEU B 69 7.04 2.99 16.12
C LEU B 69 7.85 3.28 14.86
N PRO B 70 7.42 4.18 13.95
CA PRO B 70 8.34 4.61 12.88
C PRO B 70 9.69 5.10 13.39
N LEU B 71 9.70 5.84 14.50
CA LEU B 71 10.96 6.31 15.07
C LEU B 71 11.88 5.15 15.39
N ALA B 72 11.36 4.12 16.07
CA ALA B 72 12.17 2.96 16.42
C ALA B 72 12.70 2.27 15.18
N ILE B 73 11.89 2.19 14.12
CA ILE B 73 12.34 1.62 12.86
C ILE B 73 13.48 2.45 12.27
N ALA B 74 13.35 3.78 12.31
CA ALA B 74 14.39 4.66 11.81
C ALA B 74 15.68 4.49 12.60
N VAL B 75 15.59 4.38 13.92
CA VAL B 75 16.78 4.24 14.75
C VAL B 75 17.47 2.91 14.47
N LEU B 76 16.69 1.83 14.38
CA LEU B 76 17.27 0.52 14.15
C LEU B 76 17.87 0.41 12.75
N LYS B 77 17.32 1.12 11.78
CA LYS B 77 17.91 1.13 10.44
C LYS B 77 19.25 1.87 10.44
N GLU B 78 19.36 2.94 11.23
CA GLU B 78 20.65 3.60 11.41
C GLU B 78 21.69 2.63 11.95
N ILE B 79 21.31 1.79 12.91
CA ILE B 79 22.23 0.81 13.47
C ILE B 79 22.65 -0.21 12.43
N GLU B 80 21.71 -0.62 11.57
CA GLU B 80 22.03 -1.62 10.55
C GLU B 80 22.96 -1.05 9.49
N GLU B 81 23.04 0.27 9.35
CA GLU B 81 23.98 0.90 8.45
C GLU B 81 25.19 1.47 9.20
N ASN B 82 25.42 0.99 10.44
CA ASN B 82 26.68 1.24 11.18
C ASN B 82 26.93 2.72 11.38
N ARG B 83 25.86 3.44 11.68
CA ARG B 83 25.85 4.87 11.88
C ARG B 83 25.60 5.16 13.34
N LEU B 84 25.40 4.09 14.10
CA LEU B 84 24.87 4.05 15.45
C LEU B 84 24.98 2.60 15.91
N GLN B 85 25.00 2.39 17.23
CA GLN B 85 25.02 1.05 17.80
C GLN B 85 24.01 0.97 18.94
N LEU B 86 23.54 -0.24 19.21
CA LEU B 86 22.52 -0.43 20.24
C LEU B 86 23.02 -0.02 21.61
N ASP B 87 24.31 -0.25 21.90
CA ASP B 87 24.85 0.00 23.22
C ASP B 87 25.54 1.36 23.36
N ARG B 88 25.36 2.27 22.40
CA ARG B 88 25.92 3.60 22.56
C ARG B 88 25.24 4.32 23.73
N LYS B 89 26.05 4.81 24.66
CA LYS B 89 25.51 5.57 25.78
C LYS B 89 25.08 6.96 25.31
N VAL B 90 23.90 7.39 25.77
CA VAL B 90 23.35 8.69 25.45
C VAL B 90 22.99 9.37 26.77
N ARG B 91 23.39 10.63 26.94
CA ARG B 91 23.21 11.34 28.18
C ARG B 91 21.88 12.11 28.16
N VAL B 92 21.08 11.90 29.20
CA VAL B 92 19.78 12.56 29.36
C VAL B 92 19.83 13.43 30.61
N THR B 93 19.27 14.64 30.50
CA THR B 93 19.29 15.58 31.61
C THR B 93 17.87 16.02 31.96
N PRO B 94 17.66 16.64 33.13
CA PRO B 94 16.34 17.22 33.40
C PRO B 94 15.93 18.30 32.41
N ALA B 95 16.88 18.94 31.75
CA ALA B 95 16.55 19.87 30.68
C ALA B 95 15.97 19.12 29.48
N PRO B 111 21.82 14.07 35.40
CA PRO B 111 22.30 13.60 34.09
C PRO B 111 22.59 12.11 34.08
N ILE B 112 21.76 11.33 33.40
CA ILE B 112 21.84 9.88 33.42
C ILE B 112 22.20 9.39 32.03
N ASP B 113 22.90 8.26 31.97
CA ASP B 113 23.23 7.59 30.72
C ASP B 113 22.24 6.48 30.42
N ARG B 114 21.82 6.41 29.16
CA ARG B 114 20.97 5.32 28.66
C ARG B 114 21.51 4.87 27.31
N THR B 115 21.60 3.56 27.13
CA THR B 115 21.95 3.05 25.80
C THR B 115 20.83 3.36 24.81
N VAL B 116 21.18 3.30 23.53
CA VAL B 116 20.17 3.49 22.49
C VAL B 116 19.06 2.45 22.64
N ALA B 117 19.43 1.21 22.96
CA ALA B 117 18.45 0.16 23.17
C ALA B 117 17.53 0.49 24.33
N GLN B 118 18.09 1.01 25.43
CA GLN B 118 17.25 1.39 26.56
C GLN B 118 16.32 2.55 26.22
N LEU B 119 16.76 3.45 25.33
CA LEU B 119 15.89 4.55 24.93
C LEU B 119 14.73 4.05 24.10
N ILE B 120 14.98 3.13 23.16
CA ILE B 120 13.89 2.53 22.39
C ILE B 120 12.92 1.81 23.32
N GLU B 121 13.46 1.07 24.30
CA GLU B 121 12.64 0.27 25.21
C GLU B 121 11.54 1.10 25.88
N VAL B 122 11.94 2.14 26.61
CA VAL B 122 10.94 2.95 27.31
C VAL B 122 10.09 3.74 26.32
N SER B 123 10.64 4.10 25.17
CA SER B 123 9.88 4.87 24.19
C SER B 123 8.76 4.03 23.59
N ILE B 124 8.97 2.71 23.46
CA ILE B 124 7.93 1.83 22.93
C ILE B 124 6.99 1.39 24.04
N ILE B 125 7.55 1.07 25.21
CA ILE B 125 6.76 0.43 26.27
C ILE B 125 5.97 1.47 27.07
N ARG B 126 6.63 2.55 27.49
CA ARG B 126 5.99 3.57 28.31
C ARG B 126 5.64 4.84 27.54
N SER B 127 5.90 4.89 26.23
CA SER B 127 5.66 6.09 25.42
C SER B 127 6.36 7.31 26.01
N ASP B 128 7.58 7.11 26.52
CA ASP B 128 8.24 8.15 27.29
C ASP B 128 8.63 9.32 26.39
N ASN B 129 8.34 10.54 26.85
CA ASN B 129 8.50 11.72 25.99
C ASN B 129 9.94 12.17 25.91
N THR B 130 10.72 11.95 26.96
CA THR B 130 12.13 12.34 26.92
C THR B 130 12.96 11.44 26.01
N SER B 131 12.76 10.12 26.10
CA SER B 131 13.60 9.18 25.35
C SER B 131 13.33 9.25 23.85
N SER B 132 12.05 9.39 23.45
CA SER B 132 11.72 9.45 22.03
C SER B 132 12.41 10.65 21.37
N ASP B 133 12.38 11.81 22.01
CA ASP B 133 12.99 12.99 21.41
C ASP B 133 14.51 12.93 21.41
N LYS B 134 15.11 12.23 22.37
CA LYS B 134 16.54 12.01 22.27
C LYS B 134 16.84 11.10 21.09
N LEU B 135 15.97 10.10 20.86
CA LEU B 135 16.12 9.25 19.68
C LEU B 135 15.92 10.03 18.40
N LEU B 136 14.97 10.98 18.39
CA LEU B 136 14.75 11.81 17.23
C LEU B 136 16.01 12.59 16.86
N GLN B 137 16.71 13.12 17.86
CA GLN B 137 17.93 13.87 17.59
C GLN B 137 19.02 12.99 16.99
N LEU B 138 19.12 11.74 17.45
CA LEU B 138 20.16 10.84 16.97
C LEU B 138 20.01 10.55 15.48
N VAL B 139 18.79 10.39 14.99
CA VAL B 139 18.58 10.04 13.58
C VAL B 139 18.49 11.25 12.67
N GLY B 140 18.37 12.45 13.22
CA GLY B 140 18.29 13.65 12.43
C GLY B 140 16.97 14.39 12.43
N GLY B 141 16.05 14.06 13.34
CA GLY B 141 14.82 14.80 13.48
C GLY B 141 13.66 14.24 12.69
N PRO B 142 12.49 14.88 12.83
CA PRO B 142 11.28 14.37 12.16
C PRO B 142 11.43 14.11 10.66
N ALA B 143 12.10 15.02 9.93
CA ALA B 143 12.24 14.85 8.49
C ALA B 143 13.04 13.58 8.16
N ALA B 144 13.99 13.21 9.01
CA ALA B 144 14.77 12.00 8.76
C ALA B 144 13.90 10.75 8.93
N VAL B 145 13.02 10.74 9.93
CA VAL B 145 12.11 9.62 10.10
C VAL B 145 11.17 9.51 8.90
N THR B 146 10.61 10.65 8.47
CA THR B 146 9.74 10.64 7.30
C THR B 146 10.47 10.16 6.06
N HIS B 147 11.70 10.63 5.86
CA HIS B 147 12.48 10.19 4.71
C HIS B 147 12.73 8.68 4.75
N ARG B 148 13.06 8.15 5.92
CA ARG B 148 13.26 6.70 6.05
C ARG B 148 11.99 5.93 5.77
N MET B 149 10.85 6.42 6.27
CA MET B 149 9.58 5.76 6.01
C MET B 149 9.29 5.71 4.52
N ARG B 150 9.55 6.83 3.83
CA ARG B 150 9.40 6.88 2.38
C ARG B 150 10.31 5.85 1.69
N ALA B 151 11.58 5.81 2.11
CA ALA B 151 12.53 4.88 1.49
C ALA B 151 12.14 3.43 1.73
N LEU B 152 11.42 3.13 2.81
CA LEU B 152 11.01 1.77 3.12
C LEU B 152 9.70 1.38 2.46
N GLY B 153 9.02 2.31 1.82
CA GLY B 153 7.76 2.04 1.17
C GLY B 153 6.51 2.55 1.86
N PHE B 154 6.64 3.54 2.75
CA PHE B 154 5.52 4.07 3.53
C PHE B 154 5.47 5.58 3.34
N PRO B 155 4.96 6.06 2.21
CA PRO B 155 4.96 7.49 1.92
C PRO B 155 3.84 8.26 2.59
N ASN B 156 3.02 7.62 3.41
CA ASN B 156 1.88 8.26 4.05
C ASN B 156 2.03 8.28 5.57
N ILE B 157 3.28 8.36 6.04
CA ILE B 157 3.60 8.57 7.45
C ILE B 157 4.44 9.84 7.51
N GLU B 158 3.84 10.92 8.00
CA GLU B 158 4.48 12.23 7.98
C GLU B 158 4.83 12.64 9.41
N ILE B 159 6.11 12.57 9.73
CA ILE B 159 6.64 13.03 11.00
C ILE B 159 7.22 14.42 10.76
N VAL B 160 6.62 15.43 11.38
CA VAL B 160 7.00 16.81 11.13
C VAL B 160 7.32 17.52 12.43
N SER B 161 6.96 16.90 13.55
CA SER B 161 7.02 17.57 14.84
C SER B 161 7.63 16.66 15.89
N THR B 162 8.35 17.27 16.83
CA THR B 162 8.65 16.55 18.05
C THR B 162 7.43 16.58 18.96
N GLU B 163 7.45 15.75 20.01
CA GLU B 163 6.44 15.85 21.05
C GLU B 163 6.64 17.13 21.82
N ARG B 164 7.91 17.47 22.00
CA ARG B 164 8.42 18.61 22.74
C ARG B 164 7.89 19.90 22.10
N GLU B 165 7.89 19.93 20.75
CA GLU B 165 7.27 21.02 19.98
C GLU B 165 5.74 20.91 19.94
N PHE B 166 5.18 19.70 19.80
CA PHE B 166 3.78 19.58 19.37
C PHE B 166 2.76 19.97 20.43
N SER B 167 3.05 19.80 21.71
CA SER B 167 2.13 20.23 22.74
C SER B 167 2.48 21.63 23.25
N ARG B 172 0.68 21.34 14.53
CA ARG B 172 1.28 20.52 13.47
C ARG B 172 1.53 19.11 13.98
N PRO B 173 0.55 18.23 13.81
CA PRO B 173 0.70 16.86 14.30
C PRO B 173 1.43 15.95 13.33
N ASN B 174 2.08 14.94 13.90
CA ASN B 174 2.51 13.80 13.11
C ASN B 174 1.30 12.99 12.68
N THR B 175 1.22 12.65 11.40
CA THR B 175 0.07 11.94 10.87
C THR B 175 0.51 10.68 10.13
N GLY B 176 -0.42 9.75 10.01
CA GLY B 176 -0.19 8.52 9.27
C GLY B 176 -1.51 7.87 8.92
N SER B 177 -1.51 7.11 7.83
CA SER B 177 -2.69 6.36 7.42
C SER B 177 -2.68 5.00 8.10
N ALA B 178 -3.88 4.47 8.33
CA ALA B 178 -4.00 3.15 8.96
C ALA B 178 -3.38 2.07 8.08
N GLU B 179 -3.55 2.19 6.76
CA GLU B 179 -3.01 1.18 5.85
C GLU B 179 -1.49 1.17 5.85
N ASP B 180 -0.86 2.35 5.79
CA ASP B 180 0.59 2.41 5.84
C ASP B 180 1.12 1.79 7.12
N LEU B 181 0.50 2.10 8.26
CA LEU B 181 0.93 1.53 9.53
C LEU B 181 0.71 0.03 9.56
N ALA B 182 -0.41 -0.45 9.01
CA ALA B 182 -0.64 -1.89 8.95
C ALA B 182 0.39 -2.57 8.05
N ARG B 183 0.71 -1.97 6.91
CA ARG B 183 1.69 -2.56 6.01
C ARG B 183 3.08 -2.55 6.63
N LEU B 184 3.43 -1.49 7.36
CA LEU B 184 4.67 -1.49 8.12
C LEU B 184 4.71 -2.68 9.08
N LEU B 185 3.60 -2.90 9.79
CA LEU B 185 3.56 -4.00 10.76
C LEU B 185 3.65 -5.35 10.06
N VAL B 186 3.04 -5.48 8.89
CA VAL B 186 3.17 -6.71 8.11
C VAL B 186 4.63 -7.02 7.83
N GLN B 187 5.37 -6.03 7.32
CA GLN B 187 6.77 -6.25 6.97
C GLN B 187 7.62 -6.51 8.20
N LEU B 188 7.29 -5.88 9.33
CA LEU B 188 7.99 -6.17 10.58
C LEU B 188 7.82 -7.63 10.98
N GLN B 189 6.59 -8.13 10.94
CA GLN B 189 6.33 -9.51 11.32
C GLN B 189 7.00 -10.49 10.38
N LYS B 190 7.07 -10.16 9.09
CA LYS B 190 7.64 -11.05 8.09
C LYS B 190 9.16 -11.16 8.17
N GLY B 191 9.83 -10.25 8.87
CA GLY B 191 11.27 -10.21 8.84
C GLY B 191 11.85 -9.45 7.67
N GLU B 192 11.03 -8.64 6.99
CA GLU B 192 11.46 -7.88 5.83
C GLU B 192 11.87 -6.45 6.17
N LEU B 193 11.45 -5.94 7.32
CA LEU B 193 11.70 -4.56 7.69
C LEU B 193 13.08 -4.39 8.33
N LEU B 194 13.46 -5.31 9.21
CA LEU B 194 14.71 -5.21 9.94
C LEU B 194 15.42 -6.55 9.95
N GLN B 195 16.71 -6.51 10.30
CA GLN B 195 17.47 -7.72 10.56
C GLN B 195 16.82 -8.51 11.69
N PRO B 196 17.05 -9.83 11.76
CA PRO B 196 16.30 -10.66 12.72
C PRO B 196 16.47 -10.27 14.18
N GLN B 197 17.65 -9.80 14.59
CA GLN B 197 17.82 -9.48 16.00
C GLN B 197 17.16 -8.16 16.37
N HIS B 198 17.08 -7.23 15.41
CA HIS B 198 16.36 -5.98 15.64
C HIS B 198 14.85 -6.20 15.61
N SER B 199 14.36 -7.05 14.71
CA SER B 199 12.92 -7.34 14.68
C SER B 199 12.46 -8.00 15.98
N ALA B 200 13.26 -8.93 16.50
CA ALA B 200 12.92 -9.56 17.77
C ALA B 200 12.98 -8.58 18.92
N LEU B 201 13.95 -7.65 18.88
CA LEU B 201 14.07 -6.64 19.93
C LEU B 201 12.84 -5.74 19.97
N LEU B 202 12.46 -5.19 18.82
CA LEU B 202 11.33 -4.28 18.77
C LEU B 202 10.02 -4.98 19.09
N LEU B 203 9.82 -6.19 18.54
CA LEU B 203 8.61 -6.94 18.82
C LEU B 203 8.52 -7.33 20.29
N GLY B 204 9.66 -7.68 20.89
CA GLY B 204 9.69 -7.92 22.33
C GLY B 204 9.19 -6.73 23.12
N PHE B 205 9.67 -5.53 22.77
CA PHE B 205 9.19 -4.31 23.42
C PHE B 205 7.69 -4.14 23.23
N MET B 206 7.21 -4.32 22.00
CA MET B 206 5.80 -4.10 21.71
C MET B 206 4.91 -5.13 22.40
N HIS B 207 5.42 -6.34 22.60
CA HIS B 207 4.65 -7.33 23.35
C HIS B 207 4.49 -6.92 24.81
N ARG B 208 5.50 -6.28 25.39
CA ARG B 208 5.45 -5.85 26.78
C ARG B 208 4.82 -4.46 26.96
N ALA B 209 4.33 -3.85 25.88
CA ALA B 209 3.71 -2.53 25.97
C ALA B 209 2.53 -2.57 26.95
N THR B 210 2.57 -1.67 27.94
CA THR B 210 1.59 -1.65 29.02
C THR B 210 0.54 -0.55 28.87
N THR B 211 0.50 0.13 27.73
CA THR B 211 -0.35 1.31 27.58
C THR B 211 -1.61 1.06 26.79
N GLY B 212 -1.77 -0.11 26.20
CA GLY B 212 -2.99 -0.42 25.47
C GLY B 212 -3.61 -1.74 25.86
N THR B 213 -3.68 -2.01 27.16
CA THR B 213 -4.24 -3.28 27.62
C THR B 213 -5.74 -3.33 27.53
N GLU B 214 -6.40 -2.20 27.29
CA GLU B 214 -7.83 -2.16 27.02
C GLU B 214 -8.14 -1.81 25.57
N ARG B 215 -7.14 -1.81 24.68
CA ARG B 215 -7.42 -1.49 23.28
C ARG B 215 -7.42 -2.74 22.42
N LEU B 216 -6.36 -2.96 21.63
CA LEU B 216 -6.36 -4.13 20.73
C LEU B 216 -6.45 -5.44 21.50
N ARG B 217 -5.88 -5.49 22.71
CA ARG B 217 -5.93 -6.71 23.52
C ARG B 217 -7.23 -6.85 24.30
N GLY B 218 -8.00 -5.77 24.43
CA GLY B 218 -9.00 -5.70 25.49
C GLY B 218 -10.02 -6.83 25.48
N SER B 219 -10.41 -7.30 24.30
CA SER B 219 -11.49 -8.27 24.18
C SER B 219 -11.07 -9.58 23.51
N LEU B 220 -9.76 -9.83 23.40
CA LEU B 220 -9.28 -11.06 22.79
C LEU B 220 -9.25 -12.19 23.80
N PRO B 221 -9.30 -13.44 23.36
CA PRO B 221 -9.19 -14.56 24.29
C PRO B 221 -7.92 -14.47 25.12
N VAL B 222 -7.99 -14.97 26.36
CA VAL B 222 -6.85 -14.88 27.26
C VAL B 222 -5.67 -15.67 26.69
N GLY B 223 -4.49 -15.06 26.77
CA GLY B 223 -3.31 -15.69 26.22
C GLY B 223 -3.08 -15.44 24.75
N THR B 224 -3.70 -14.40 24.18
CA THR B 224 -3.51 -14.08 22.79
C THR B 224 -2.33 -13.12 22.66
N PRO B 225 -1.22 -13.54 22.05
CA PRO B 225 -0.07 -12.64 21.91
C PRO B 225 -0.44 -11.43 21.06
N VAL B 226 -0.10 -10.25 21.57
CA VAL B 226 -0.33 -8.99 20.89
C VAL B 226 0.87 -8.10 21.12
N ALA B 227 1.49 -7.64 20.03
CA ALA B 227 2.52 -6.61 20.09
C ALA B 227 1.90 -5.34 19.55
N ASP B 228 2.01 -4.25 20.31
CA ASP B 228 1.27 -3.05 19.93
C ASP B 228 2.01 -1.80 20.36
N LYS B 229 1.59 -0.67 19.80
CA LYS B 229 2.04 0.66 20.19
C LYS B 229 0.82 1.58 20.18
N THR B 230 0.61 2.29 21.29
CA THR B 230 -0.57 3.12 21.46
C THR B 230 -0.28 4.58 21.17
N GLY B 231 -1.36 5.34 21.01
CA GLY B 231 -1.31 6.78 20.89
C GLY B 231 -2.51 7.39 21.57
N THR B 232 -2.29 8.43 22.36
CA THR B 232 -3.37 9.02 23.15
C THR B 232 -3.22 10.53 23.16
N GLY B 233 -4.29 11.22 22.76
CA GLY B 233 -4.36 12.66 22.89
C GLY B 233 -5.08 13.06 24.16
N ASP B 234 -4.70 14.20 24.70
CA ASP B 234 -5.30 14.66 25.95
C ASP B 234 -6.79 14.93 25.76
N ALA B 235 -7.57 14.61 26.81
CA ALA B 235 -9.01 14.86 26.84
C ALA B 235 -9.75 14.11 25.74
N GLY B 236 -9.28 12.91 25.39
CA GLY B 236 -9.99 12.03 24.49
C GLY B 236 -10.05 12.43 23.04
N VAL B 237 -9.24 13.40 22.61
CA VAL B 237 -9.30 13.85 21.22
C VAL B 237 -8.67 12.84 20.25
N VAL B 238 -7.78 11.96 20.73
CA VAL B 238 -7.14 10.96 19.88
C VAL B 238 -6.94 9.68 20.70
N THR B 239 -7.35 8.54 20.13
CA THR B 239 -7.11 7.23 20.73
C THR B 239 -6.68 6.27 19.62
N ASN B 240 -5.43 5.82 19.67
CA ASN B 240 -4.86 4.96 18.65
C ASN B 240 -4.31 3.68 19.25
N ASP B 241 -4.35 2.61 18.46
CA ASP B 241 -3.59 1.40 18.75
C ASP B 241 -3.28 0.71 17.43
N VAL B 242 -2.01 0.37 17.24
CA VAL B 242 -1.55 -0.39 16.09
C VAL B 242 -0.73 -1.56 16.60
N GLY B 243 -0.81 -2.69 15.92
CA GLY B 243 -0.04 -3.84 16.37
C GLY B 243 -0.31 -5.08 15.56
N ILE B 244 0.22 -6.20 16.08
CA ILE B 244 0.15 -7.50 15.45
C ILE B 244 -0.49 -8.47 16.43
N ILE B 245 -1.57 -9.13 16.00
CA ILE B 245 -2.28 -10.13 16.80
C ILE B 245 -1.91 -11.51 16.27
N THR B 246 -1.42 -12.37 17.16
CA THR B 246 -1.12 -13.75 16.78
C THR B 246 -2.37 -14.62 16.91
N LEU B 247 -2.82 -15.19 15.79
CA LEU B 247 -3.98 -16.07 15.86
C LEU B 247 -3.54 -17.44 16.36
N PRO B 248 -4.44 -18.20 16.98
CA PRO B 248 -4.05 -19.51 17.52
C PRO B 248 -3.84 -20.55 16.44
N LYS B 249 -3.16 -21.63 16.82
CA LYS B 249 -3.04 -22.84 16.00
C LYS B 249 -2.39 -22.55 14.65
N GLY B 250 -1.46 -21.59 14.62
CA GLY B 250 -0.75 -21.26 13.40
C GLY B 250 -1.63 -20.80 12.28
N GLN B 251 -2.71 -20.07 12.58
CA GLN B 251 -3.58 -19.49 11.58
C GLN B 251 -3.07 -18.13 11.09
N GLY B 252 -1.91 -17.70 11.56
CA GLY B 252 -1.23 -16.53 11.08
C GLY B 252 -1.32 -15.35 12.03
N HIS B 253 -1.18 -14.16 11.47
CA HIS B 253 -1.14 -12.94 12.25
C HIS B 253 -2.00 -11.88 11.57
N LEU B 254 -2.54 -10.98 12.39
CA LEU B 254 -3.26 -9.81 11.91
C LEU B 254 -2.44 -8.58 12.25
N ALA B 255 -2.01 -7.85 11.23
CA ALA B 255 -1.50 -6.50 11.43
C ALA B 255 -2.69 -5.57 11.38
N ILE B 256 -2.88 -4.79 12.44
CA ILE B 256 -4.09 -4.00 12.61
C ILE B 256 -3.72 -2.61 13.10
N ALA B 257 -4.30 -1.59 12.49
CA ALA B 257 -4.12 -0.20 12.91
C ALA B 257 -5.49 0.44 13.06
N VAL B 258 -5.76 1.01 14.23
CA VAL B 258 -7.00 1.74 14.49
C VAL B 258 -6.62 3.13 14.98
N LEU B 259 -7.02 4.15 14.23
CA LEU B 259 -6.75 5.54 14.58
C LEU B 259 -8.07 6.27 14.75
N ILE B 260 -8.31 6.78 15.96
CA ILE B 260 -9.56 7.45 16.30
C ILE B 260 -9.25 8.90 16.63
N SER B 261 -9.85 9.82 15.88
CA SER B 261 -9.55 11.24 15.98
C SER B 261 -10.84 12.04 16.08
N GLY B 262 -11.01 12.75 17.19
CA GLY B 262 -12.13 13.67 17.32
C GLY B 262 -13.50 13.03 17.39
N SER B 263 -13.60 11.88 18.04
CA SER B 263 -14.84 11.12 18.10
C SER B 263 -15.76 11.67 19.19
N LYS B 264 -17.03 11.25 19.14
CA LYS B 264 -18.01 11.63 20.15
C LYS B 264 -17.84 10.84 21.45
N LEU B 265 -17.07 9.76 21.43
CA LEU B 265 -16.99 8.85 22.56
C LEU B 265 -16.05 9.38 23.66
N SER B 266 -16.29 8.89 24.87
CA SER B 266 -15.41 9.11 26.01
C SER B 266 -14.09 8.36 25.80
N PRO B 267 -13.04 8.74 26.53
CA PRO B 267 -11.79 7.96 26.47
C PRO B 267 -11.97 6.47 26.67
N ALA B 268 -12.77 6.06 27.66
CA ALA B 268 -12.97 4.64 27.91
C ALA B 268 -13.74 3.98 26.77
N ALA B 269 -14.75 4.65 26.22
CA ALA B 269 -15.52 4.07 25.13
C ALA B 269 -14.72 3.99 23.85
N GLN B 270 -13.77 4.90 23.66
CA GLN B 270 -12.88 4.79 22.51
C GLN B 270 -12.00 3.56 22.63
N GLU B 271 -11.54 3.27 23.83
CA GLU B 271 -10.79 2.04 24.06
C GLU B 271 -11.70 0.83 23.85
N LYS B 272 -12.98 0.98 24.16
CA LYS B 272 -13.82 -0.18 24.04
C LYS B 272 -14.06 -0.47 22.54
N LEU B 273 -14.15 0.62 21.72
CA LEU B 273 -14.24 0.54 20.26
C LEU B 273 -13.02 -0.15 19.62
N ILE B 274 -11.80 0.16 20.07
CA ILE B 274 -10.63 -0.52 19.52
C ILE B 274 -10.68 -2.00 19.85
N ALA B 275 -11.02 -2.32 21.09
CA ALA B 275 -11.15 -3.72 21.51
C ALA B 275 -12.21 -4.45 20.69
N GLU B 276 -13.32 -3.77 20.39
CA GLU B 276 -14.40 -4.42 19.66
C GLU B 276 -14.03 -4.61 18.19
N ILE B 277 -13.35 -3.63 17.61
CA ILE B 277 -12.83 -3.79 16.26
C ILE B 277 -11.84 -4.94 16.20
N ALA B 278 -10.93 -5.02 17.18
CA ALA B 278 -9.91 -6.06 17.18
C ALA B 278 -10.51 -7.45 17.33
N ARG B 279 -11.53 -7.60 18.17
CA ARG B 279 -12.14 -8.91 18.38
C ARG B 279 -12.97 -9.32 17.17
N ALA B 280 -13.65 -8.35 16.53
CA ALA B 280 -14.38 -8.65 15.31
C ALA B 280 -13.45 -9.10 14.20
N ALA B 281 -12.30 -8.43 14.06
CA ALA B 281 -11.31 -8.87 13.08
C ALA B 281 -10.75 -10.23 13.44
N TYR B 282 -10.47 -10.46 14.73
CA TYR B 282 -10.03 -11.77 15.20
C TYR B 282 -11.02 -12.86 14.83
N ASP B 283 -12.30 -12.65 15.14
CA ASP B 283 -13.31 -13.68 14.87
C ASP B 283 -13.42 -13.98 13.38
N ALA B 284 -13.33 -12.94 12.54
CA ALA B 284 -13.47 -13.13 11.10
C ALA B 284 -12.34 -13.97 10.53
N HIS B 285 -11.16 -13.93 11.14
CA HIS B 285 -9.97 -14.57 10.59
C HIS B 285 -9.64 -15.92 11.21
N VAL B 286 -10.35 -16.34 12.26
CA VAL B 286 -10.06 -17.62 12.91
C VAL B 286 -11.20 -18.61 12.65
N SER B 287 -10.84 -19.88 12.52
CA SER B 287 -11.81 -20.95 12.41
C SER B 287 -12.42 -21.26 13.78
#